data_6T52
#
_entry.id   6T52
#
_cell.length_a   69.998
_cell.length_b   71.239
_cell.length_c   72.866
_cell.angle_alpha   90.000
_cell.angle_beta   100.504
_cell.angle_gamma   90.000
#
_symmetry.space_group_name_H-M   'C 1 2 1'
#
loop_
_entity.id
_entity.type
_entity.pdbx_description
1 polymer Prothrombin
2 polymer Prothrombin
3 polymer 'Hirudin variant-2'
4 non-polymer 'SODIUM ION'
5 non-polymer 'PHOSPHATE ION'
6 non-polymer 'DIMETHYL SULFOXIDE'
7 non-polymer (2~{S})-1-[(2~{R})-2-azanyl-3-phenyl-propanoyl]-~{N}-[2-(1~{H}-imidazol-4-yl)ethyl]pyrrolidine-2-carboxamide
8 non-polymer 2-acetamido-2-deoxy-beta-D-glucopyranose
9 water water
#
loop_
_entity_poly.entity_id
_entity_poly.type
_entity_poly.pdbx_seq_one_letter_code
_entity_poly.pdbx_strand_id
1 'polypeptide(L)' TFGSGEADCGLRPLFEKKSLEDKTERELLESYIDGR L
2 'polypeptide(L)'
;IVEGSDAEIGMSPWQVMLFRKSPQELLCGASLISDRWVLTAAHCLLYPPWDKNFTENDLLVRIGKHSRTRYERNIEKISM
LEKIYIHPRYNWRENLDRDIALMKLKKPVAFSDYIHPVCLPDRETAASLLQAGYKGRVTGWGNLKETWTANVGKGQPSVL
QVVNLPIVERPVCKDSTRIRITDNMFCAGYKPDEGKRGDACEGDSGGPFVMKSPFNNRWYQMGIVSWGEGCDRDGKYGFY
THVFRLKKWIQKVIDQFGE
;
H
3 'polypeptide(L)' DFEEIPEE(TYS)LQ I
#
# COMPACT_ATOMS: atom_id res chain seq x y z
N GLU A 6 8.02 -7.52 12.70
CA GLU A 6 9.11 -8.02 13.53
C GLU A 6 9.62 -6.93 14.48
N ALA A 7 10.62 -7.27 15.30
CA ALA A 7 11.11 -6.31 16.29
C ALA A 7 11.69 -5.06 15.65
N ASP A 8 12.18 -5.16 14.43
CA ASP A 8 12.83 -4.07 13.71
C ASP A 8 11.91 -3.41 12.70
N CYS A 9 10.62 -3.73 12.72
CA CYS A 9 9.73 -3.24 11.68
C CYS A 9 9.68 -1.72 11.68
N GLY A 10 9.45 -1.17 10.49
CA GLY A 10 9.15 0.24 10.35
C GLY A 10 10.34 1.18 10.50
N LEU A 11 11.55 0.65 10.60
CA LEU A 11 12.77 1.45 10.71
C LEU A 11 13.58 1.20 9.44
N ARG A 12 13.67 2.21 8.60
CA ARG A 12 14.24 2.02 7.27
C ARG A 12 15.77 2.03 7.34
N PRO A 13 16.42 1.07 6.70
CA PRO A 13 17.89 1.05 6.69
C PRO A 13 18.55 2.34 6.25
N LEU A 14 18.01 3.01 5.24
CA LEU A 14 18.66 4.18 4.70
C LEU A 14 18.20 5.48 5.33
N PHE A 15 17.30 5.43 6.31
CA PHE A 15 16.77 6.61 6.96
C PHE A 15 16.86 6.48 8.47
N GLU A 16 15.84 5.90 9.12
CA GLU A 16 15.84 5.83 10.58
C GLU A 16 17.08 5.15 11.12
N LYS A 17 17.52 4.06 10.48
CA LYS A 17 18.65 3.33 11.03
C LYS A 17 19.95 4.11 10.99
N LYS A 18 20.03 5.14 10.14
CA LYS A 18 21.20 6.01 10.03
C LYS A 18 20.94 7.41 10.59
N SER A 19 19.76 7.63 11.18
CA SER A 19 19.32 8.96 11.62
C SER A 19 19.37 9.98 10.49
N LEU A 20 18.88 9.58 9.30
CA LEU A 20 18.65 10.50 8.19
C LEU A 20 17.17 10.62 7.94
N GLU A 21 16.72 11.83 7.61
CA GLU A 21 15.33 12.10 7.32
C GLU A 21 15.12 12.17 5.81
N ASP A 22 13.96 11.70 5.37
CA ASP A 22 13.60 11.89 3.98
C ASP A 22 13.04 13.29 3.77
N LYS A 23 12.86 13.67 2.52
CA LYS A 23 12.60 15.07 2.20
C LYS A 23 11.21 15.54 2.60
N THR A 24 10.25 14.65 2.87
CA THR A 24 8.90 15.11 3.23
C THR A 24 8.33 14.53 4.51
N GLU A 25 9.08 13.74 5.27
CA GLU A 25 8.47 13.17 6.48
C GLU A 25 8.12 14.26 7.49
N ARG A 26 8.82 15.39 7.46
CA ARG A 26 8.48 16.48 8.38
C ARG A 26 7.06 16.99 8.16
N GLU A 27 6.56 16.96 6.92
CA GLU A 27 5.17 17.35 6.65
C GLU A 27 4.19 16.47 7.43
N LEU A 28 4.50 15.19 7.55
CA LEU A 28 3.66 14.30 8.33
C LEU A 28 3.72 14.69 9.80
N LEU A 29 4.93 14.88 10.33
CA LEU A 29 5.06 15.18 11.76
C LEU A 29 4.31 16.46 12.11
N GLU A 30 4.41 17.47 11.25
CA GLU A 30 3.75 18.74 11.52
C GLU A 30 2.23 18.62 11.55
N SER A 31 1.67 17.63 10.87
CA SER A 31 0.23 17.41 10.91
C SER A 31 -0.24 16.70 12.17
N TYR A 32 0.68 16.13 12.96
CA TYR A 32 0.29 15.32 14.14
C TYR A 32 0.18 16.27 15.32
N ILE A 33 -0.95 16.95 15.39
CA ILE A 33 -1.10 18.17 16.18
C ILE A 33 -1.99 17.84 17.36
N ILE B 1 -0.17 7.08 -8.95
CA ILE B 1 -0.22 8.21 -8.02
C ILE B 1 -0.32 9.47 -8.85
N VAL B 2 -1.34 10.29 -8.58
CA VAL B 2 -1.55 11.57 -9.26
C VAL B 2 -0.98 12.67 -8.39
N GLU B 3 -0.19 13.56 -9.00
CA GLU B 3 0.32 14.75 -8.33
C GLU B 3 1.24 14.41 -7.15
N GLY B 4 1.96 13.30 -7.26
CA GLY B 4 3.02 12.96 -6.33
C GLY B 4 4.39 13.29 -6.90
N SER B 5 5.40 12.68 -6.32
CA SER B 5 6.77 12.86 -6.77
C SER B 5 7.52 11.53 -6.74
N ASP B 6 8.70 11.53 -7.37
CA ASP B 6 9.55 10.35 -7.33
C ASP B 6 9.97 10.05 -5.89
N ALA B 7 9.89 8.79 -5.51
CA ALA B 7 10.41 8.36 -4.22
C ALA B 7 11.92 8.47 -4.19
N GLU B 8 12.46 8.68 -2.99
CA GLU B 8 13.88 8.54 -2.75
C GLU B 8 14.24 7.05 -2.69
N ILE B 9 15.52 6.76 -2.95
CA ILE B 9 15.99 5.39 -2.83
C ILE B 9 15.81 4.91 -1.39
N GLY B 10 15.19 3.75 -1.22
CA GLY B 10 15.01 3.19 0.10
C GLY B 10 13.95 3.86 0.95
N MET B 11 13.12 4.74 0.36
CA MET B 11 12.13 5.50 1.11
C MET B 11 10.97 4.64 1.57
N SER B 12 10.67 3.56 0.85
N SER B 12 10.62 3.61 0.80
CA SER B 12 9.52 2.70 1.11
CA SER B 12 9.51 2.70 1.12
C SER B 12 9.95 1.26 0.91
C SER B 12 9.99 1.27 0.89
N PRO B 13 10.85 0.76 1.78
CA PRO B 13 11.46 -0.56 1.53
C PRO B 13 10.51 -1.72 1.75
N TRP B 14 9.31 -1.45 2.25
CA TRP B 14 8.23 -2.42 2.35
C TRP B 14 7.36 -2.47 1.10
N GLN B 15 7.59 -1.59 0.13
CA GLN B 15 6.78 -1.59 -1.09
C GLN B 15 6.99 -2.87 -1.88
N VAL B 16 5.90 -3.47 -2.33
CA VAL B 16 5.91 -4.70 -3.09
C VAL B 16 5.14 -4.47 -4.38
N MET B 17 5.64 -5.01 -5.48
CA MET B 17 4.91 -5.04 -6.74
C MET B 17 4.35 -6.44 -6.96
N LEU B 18 3.04 -6.52 -7.19
CA LEU B 18 2.42 -7.76 -7.64
C LEU B 18 2.52 -7.81 -9.15
N PHE B 19 3.04 -8.92 -9.67
CA PHE B 19 3.45 -9.02 -11.06
C PHE B 19 2.82 -10.26 -11.69
N ARG B 20 2.14 -10.06 -12.80
CA ARG B 20 1.57 -11.19 -13.52
C ARG B 20 2.66 -11.89 -14.33
N LYS B 21 2.64 -13.22 -14.31
CA LYS B 21 3.67 -13.97 -15.03
C LYS B 21 3.47 -13.92 -16.54
N SER B 22 2.23 -14.01 -17.00
CA SER B 22 1.96 -14.13 -18.44
C SER B 22 0.58 -13.57 -18.77
N PRO B 23 0.49 -12.43 -19.48
CA PRO B 23 1.59 -11.57 -19.94
C PRO B 23 2.30 -10.96 -18.74
N GLN B 24 3.58 -10.60 -18.90
CA GLN B 24 4.36 -10.02 -17.81
C GLN B 24 3.97 -8.56 -17.66
N GLU B 25 3.32 -8.22 -16.55
CA GLU B 25 2.81 -6.87 -16.35
C GLU B 25 2.55 -6.62 -14.87
N LEU B 26 2.54 -5.35 -14.51
CA LEU B 26 2.19 -4.98 -13.15
C LEU B 26 0.70 -5.20 -12.91
N LEU B 27 0.39 -5.79 -11.77
CA LEU B 27 -1.00 -5.99 -11.35
C LEU B 27 -1.44 -5.06 -10.25
N CYS B 28 -0.60 -4.79 -9.26
CA CYS B 28 -1.05 -4.10 -8.07
C CYS B 28 0.19 -3.76 -7.27
N GLY B 29 -0.01 -2.91 -6.26
CA GLY B 29 0.92 -2.79 -5.16
C GLY B 29 0.56 -3.71 -4.01
N ALA B 30 1.44 -3.69 -3.01
CA ALA B 30 1.35 -4.54 -1.82
C ALA B 30 2.43 -4.06 -0.86
N SER B 31 2.49 -4.68 0.32
CA SER B 31 3.45 -4.31 1.33
C SER B 31 4.01 -5.53 2.03
N LEU B 32 5.26 -5.39 2.47
CA LEU B 32 5.97 -6.47 3.17
C LEU B 32 5.78 -6.27 4.67
N ILE B 33 5.20 -7.26 5.34
CA ILE B 33 4.95 -7.17 6.78
C ILE B 33 5.80 -8.14 7.60
N SER B 34 6.49 -9.07 6.97
CA SER B 34 7.48 -9.91 7.63
C SER B 34 8.32 -10.53 6.51
N ASP B 35 9.23 -11.43 6.89
CA ASP B 35 10.05 -12.04 5.84
C ASP B 35 9.29 -13.03 4.97
N ARG B 36 8.04 -13.36 5.31
CA ARG B 36 7.29 -14.35 4.55
C ARG B 36 5.87 -13.93 4.19
N TRP B 37 5.42 -12.75 4.61
CA TRP B 37 4.04 -12.34 4.44
C TRP B 37 3.94 -10.98 3.77
N VAL B 38 3.04 -10.88 2.79
CA VAL B 38 2.77 -9.66 2.05
C VAL B 38 1.29 -9.35 2.18
N LEU B 39 0.98 -8.08 2.41
CA LEU B 39 -0.38 -7.59 2.57
C LEU B 39 -0.79 -6.83 1.31
N THR B 40 -2.04 -7.03 0.86
CA THR B 40 -2.52 -6.33 -0.34
C THR B 40 -4.03 -6.14 -0.22
N ALA B 41 -4.63 -5.57 -1.25
CA ALA B 41 -6.08 -5.46 -1.34
C ALA B 41 -6.65 -6.74 -1.95
N ALA B 42 -7.78 -7.18 -1.44
CA ALA B 42 -8.44 -8.35 -2.00
C ALA B 42 -8.79 -8.17 -3.47
N HIS B 43 -9.20 -6.96 -3.88
CA HIS B 43 -9.61 -6.78 -5.26
C HIS B 43 -8.45 -6.89 -6.24
N CYS B 44 -7.22 -6.90 -5.75
CA CYS B 44 -6.06 -7.19 -6.59
C CYS B 44 -6.03 -8.64 -7.04
N LEU B 45 -6.69 -9.50 -6.29
CA LEU B 45 -6.67 -10.94 -6.54
C LEU B 45 -8.02 -11.47 -6.97
N LEU B 46 -9.11 -10.84 -6.52
CA LEU B 46 -10.45 -11.36 -6.78
C LEU B 46 -11.37 -10.18 -7.02
N TYR B 47 -11.87 -10.06 -8.25
CA TYR B 47 -12.86 -9.03 -8.59
C TYR B 47 -13.69 -9.53 -9.76
N PRO B 48 -14.76 -10.27 -9.48
CA PRO B 48 -15.54 -10.94 -10.55
C PRO B 48 -16.12 -9.97 -11.57
N PRO B 49 -16.50 -8.75 -11.20
CA PRO B 49 -17.02 -7.83 -12.23
C PRO B 49 -16.06 -7.61 -13.40
N TRP B 50 -14.76 -7.76 -13.16
CA TRP B 50 -13.73 -7.61 -14.18
C TRP B 50 -13.11 -8.96 -14.57
N ASP B 51 -13.77 -10.07 -14.23
CA ASP B 51 -13.28 -11.40 -14.55
C ASP B 51 -11.91 -11.66 -13.94
N LYS B 52 -11.65 -11.12 -12.76
CA LYS B 52 -10.37 -11.28 -12.08
C LYS B 52 -10.50 -12.32 -10.96
N ASN B 53 -9.71 -13.39 -11.05
CA ASN B 53 -9.67 -14.39 -9.98
C ASN B 53 -8.35 -15.13 -10.08
N PHE B 54 -7.30 -14.55 -9.52
CA PHE B 54 -5.97 -15.11 -9.70
C PHE B 54 -5.70 -16.25 -8.72
N THR B 55 -4.88 -17.20 -9.16
CA THR B 55 -4.35 -18.24 -8.30
C THR B 55 -2.88 -17.97 -8.04
N GLU B 56 -2.32 -18.74 -7.09
CA GLU B 56 -0.94 -18.50 -6.66
C GLU B 56 0.04 -18.59 -7.81
N ASN B 57 -0.14 -19.57 -8.69
CA ASN B 57 0.83 -19.79 -9.76
C ASN B 57 0.73 -18.75 -10.86
N ASP B 58 -0.25 -17.86 -10.80
CA ASP B 58 -0.38 -16.83 -11.81
C ASP B 58 0.54 -15.65 -11.57
N LEU B 59 1.15 -15.56 -10.38
CA LEU B 59 1.64 -14.30 -9.86
C LEU B 59 3.06 -14.43 -9.32
N LEU B 60 3.75 -13.29 -9.31
CA LEU B 60 5.01 -13.14 -8.62
C LEU B 60 4.95 -11.85 -7.79
N VAL B 61 5.80 -11.80 -6.79
CA VAL B 61 5.99 -10.63 -5.95
C VAL B 61 7.40 -10.12 -6.17
N ARG B 62 7.54 -8.83 -6.44
CA ARG B 62 8.84 -8.19 -6.67
C ARG B 62 9.08 -7.15 -5.57
N ILE B 63 10.15 -7.34 -4.82
CA ILE B 63 10.38 -6.60 -3.59
C ILE B 63 11.71 -5.87 -3.73
N GLY B 64 11.79 -4.67 -3.16
CA GLY B 64 13.00 -3.88 -3.27
C GLY B 64 13.09 -3.00 -4.49
N LYS B 65 11.98 -2.81 -5.22
CA LYS B 65 12.02 -2.11 -6.48
C LYS B 65 11.92 -0.59 -6.33
N HIS B 66 12.43 0.08 -7.34
CA HIS B 66 12.31 1.52 -7.51
C HIS B 66 11.79 1.81 -8.93
N SER B 67 12.54 1.42 -9.95
CA SER B 67 12.05 1.54 -11.32
C SER B 67 10.80 0.69 -11.52
N ARG B 68 9.83 1.21 -12.30
CA ARG B 68 8.64 0.44 -12.60
C ARG B 68 8.95 -0.74 -13.51
N THR B 69 9.67 -0.49 -14.61
CA THR B 69 9.77 -1.48 -15.68
C THR B 69 11.09 -2.23 -15.73
N ARG B 70 12.14 -1.70 -15.11
N ARG B 70 12.15 -1.72 -15.10
CA ARG B 70 13.45 -2.33 -15.17
CA ARG B 70 13.45 -2.34 -15.24
C ARG B 70 13.52 -3.57 -14.29
C ARG B 70 13.62 -3.51 -14.27
N TYR B 71 14.37 -4.53 -14.70
CA TYR B 71 14.76 -5.61 -13.82
C TYR B 71 15.99 -5.12 -13.04
N GLU B 72 15.79 -4.85 -11.75
CA GLU B 72 16.78 -4.15 -10.94
C GLU B 72 17.72 -5.17 -10.33
N ARG B 73 18.63 -5.63 -11.19
CA ARG B 73 19.55 -6.69 -10.85
C ARG B 73 20.37 -6.29 -9.62
N ASN B 74 20.53 -7.26 -8.71
CA ASN B 74 21.27 -7.15 -7.45
C ASN B 74 20.57 -6.30 -6.40
N ILE B 75 19.34 -5.86 -6.66
CA ILE B 75 18.62 -5.00 -5.73
C ILE B 75 17.26 -5.62 -5.44
N GLU B 76 16.45 -5.79 -6.46
CA GLU B 76 15.15 -6.40 -6.23
C GLU B 76 15.28 -7.90 -6.05
N LYS B 77 14.28 -8.46 -5.37
CA LYS B 77 14.16 -9.90 -5.18
C LYS B 77 12.76 -10.31 -5.60
N ILE B 78 12.67 -11.41 -6.33
CA ILE B 78 11.42 -11.90 -6.90
C ILE B 78 11.06 -13.19 -6.17
N SER B 79 9.81 -13.27 -5.68
CA SER B 79 9.36 -14.39 -4.86
C SER B 79 8.11 -15.02 -5.45
N MET B 80 8.02 -16.34 -5.36
CA MET B 80 6.80 -17.05 -5.70
C MET B 80 5.89 -17.14 -4.48
N LEU B 81 4.59 -17.31 -4.75
CA LEU B 81 3.57 -17.35 -3.70
C LEU B 81 3.29 -18.80 -3.31
N GLU B 82 3.23 -19.05 -2.01
CA GLU B 82 2.77 -20.34 -1.51
C GLU B 82 1.24 -20.37 -1.43
N LYS B 83 0.63 -19.30 -0.91
CA LYS B 83 -0.82 -19.31 -0.69
C LYS B 83 -1.35 -17.90 -0.60
N ILE B 84 -2.55 -17.71 -1.15
CA ILE B 84 -3.33 -16.49 -1.02
C ILE B 84 -4.44 -16.71 0.00
N TYR B 85 -4.68 -15.70 0.85
CA TYR B 85 -5.79 -15.70 1.80
C TYR B 85 -6.55 -14.40 1.62
N ILE B 86 -7.83 -14.51 1.29
CA ILE B 86 -8.70 -13.36 1.12
C ILE B 86 -9.66 -13.31 2.30
N HIS B 87 -9.95 -12.11 2.78
CA HIS B 87 -10.86 -12.00 3.90
C HIS B 87 -12.19 -12.69 3.56
N PRO B 88 -12.71 -13.54 4.45
CA PRO B 88 -13.93 -14.30 4.11
C PRO B 88 -15.16 -13.44 3.94
N ARG B 89 -15.17 -12.21 4.45
CA ARG B 89 -16.30 -11.30 4.29
C ARG B 89 -15.97 -10.12 3.39
N TYR B 90 -14.93 -10.25 2.56
CA TYR B 90 -14.67 -9.28 1.51
C TYR B 90 -15.89 -9.12 0.63
N ASN B 91 -16.34 -7.88 0.46
CA ASN B 91 -17.58 -7.59 -0.26
C ASN B 91 -17.22 -6.98 -1.62
N TRP B 92 -16.97 -7.85 -2.59
CA TRP B 92 -16.73 -7.40 -3.96
C TRP B 92 -18.01 -7.06 -4.69
N ARG B 93 -19.17 -7.43 -4.15
N ARG B 93 -19.16 -7.45 -4.16
CA ARG B 93 -20.43 -7.21 -4.85
CA ARG B 93 -20.43 -7.20 -4.86
C ARG B 93 -20.91 -5.77 -4.76
C ARG B 93 -20.80 -5.72 -4.82
N GLU B 94 -20.55 -5.06 -3.69
CA GLU B 94 -21.12 -3.74 -3.42
C GLU B 94 -20.07 -2.64 -3.32
N ASN B 95 -19.27 -2.63 -2.25
CA ASN B 95 -18.48 -1.46 -1.89
C ASN B 95 -17.06 -1.78 -1.47
N LEU B 96 -16.57 -2.99 -1.74
CA LEU B 96 -15.20 -3.39 -1.37
C LEU B 96 -15.00 -3.39 0.14
N ASP B 97 -16.07 -3.58 0.91
CA ASP B 97 -15.90 -3.72 2.36
C ASP B 97 -14.93 -4.85 2.67
N ARG B 98 -14.01 -4.61 3.60
CA ARG B 98 -13.01 -5.60 4.03
C ARG B 98 -12.10 -6.02 2.88
N ASP B 99 -11.56 -5.01 2.18
CA ASP B 99 -10.74 -5.18 0.98
C ASP B 99 -9.30 -5.48 1.41
N ILE B 100 -9.07 -6.72 1.80
CA ILE B 100 -7.78 -7.10 2.38
C ILE B 100 -7.46 -8.55 2.05
N ALA B 101 -6.19 -8.80 1.76
CA ALA B 101 -5.71 -10.14 1.48
C ALA B 101 -4.28 -10.28 1.94
N LEU B 102 -3.90 -11.51 2.26
CA LEU B 102 -2.53 -11.86 2.62
C LEU B 102 -1.98 -12.86 1.62
N MET B 103 -0.69 -12.75 1.35
CA MET B 103 0.04 -13.69 0.51
C MET B 103 1.24 -14.21 1.29
N LYS B 104 1.36 -15.53 1.38
CA LYS B 104 2.51 -16.18 2.01
C LYS B 104 3.51 -16.55 0.92
N LEU B 105 4.76 -16.17 1.11
CA LEU B 105 5.82 -16.46 0.15
C LEU B 105 6.32 -17.88 0.31
N LYS B 106 6.79 -18.45 -0.81
CA LYS B 106 7.30 -19.82 -0.76
C LYS B 106 8.55 -19.92 0.13
N LYS B 107 9.41 -18.91 0.10
CA LYS B 107 10.63 -18.84 0.88
C LYS B 107 10.74 -17.46 1.49
N PRO B 108 11.38 -17.33 2.65
CA PRO B 108 11.59 -15.99 3.22
C PRO B 108 12.49 -15.14 2.34
N VAL B 109 12.17 -13.84 2.27
CA VAL B 109 13.00 -12.88 1.56
C VAL B 109 14.08 -12.35 2.49
N ALA B 110 15.28 -12.14 1.94
CA ALA B 110 16.36 -11.54 2.72
C ALA B 110 16.19 -10.04 2.77
N PHE B 111 16.25 -9.48 3.98
CA PHE B 111 16.20 -8.04 4.12
C PHE B 111 17.51 -7.41 3.65
N SER B 112 17.44 -6.13 3.30
CA SER B 112 18.58 -5.39 2.76
C SER B 112 18.31 -3.91 2.97
N ASP B 113 19.17 -3.05 2.42
CA ASP B 113 18.91 -1.62 2.47
C ASP B 113 17.62 -1.24 1.76
N TYR B 114 17.14 -2.09 0.86
CA TYR B 114 16.00 -1.79 -0.02
C TYR B 114 14.77 -2.61 0.32
N ILE B 115 14.88 -3.56 1.24
CA ILE B 115 13.85 -4.53 1.55
C ILE B 115 13.74 -4.59 3.06
N HIS B 116 12.60 -4.16 3.61
CA HIS B 116 12.44 -4.14 5.05
C HIS B 116 10.95 -4.03 5.38
N PRO B 117 10.45 -4.72 6.40
CA PRO B 117 9.00 -4.72 6.66
C PRO B 117 8.52 -3.47 7.38
N VAL B 118 7.26 -3.14 7.12
CA VAL B 118 6.55 -2.09 7.83
C VAL B 118 5.87 -2.67 9.05
N CYS B 119 5.60 -1.84 10.06
CA CYS B 119 4.84 -2.29 11.21
C CYS B 119 3.34 -2.24 10.97
N LEU B 120 2.61 -3.13 11.64
CA LEU B 120 1.16 -3.02 11.68
C LEU B 120 0.74 -2.36 12.98
N PRO B 121 -0.30 -1.52 12.96
CA PRO B 121 -0.64 -0.74 14.15
C PRO B 121 -1.27 -1.58 15.24
N ASP B 122 -0.95 -1.21 16.47
CA ASP B 122 -1.70 -1.61 17.64
C ASP B 122 -2.87 -0.66 17.82
N ARG B 123 -3.75 -1.01 18.75
CA ARG B 123 -4.96 -0.21 18.99
C ARG B 123 -4.61 1.22 19.38
N GLU B 124 -3.57 1.39 20.20
CA GLU B 124 -3.25 2.71 20.72
C GLU B 124 -2.64 3.59 19.63
N THR B 125 -1.77 3.03 18.79
N THR B 125 -1.77 3.04 18.78
CA THR B 125 -1.22 3.82 17.70
CA THR B 125 -1.23 3.83 17.69
C THR B 125 -2.31 4.21 16.72
C THR B 125 -2.31 4.22 16.69
N ALA B 126 -3.23 3.29 16.42
CA ALA B 126 -4.34 3.61 15.53
C ALA B 126 -5.22 4.72 16.11
N ALA B 127 -5.57 4.60 17.38
CA ALA B 127 -6.42 5.62 17.99
C ALA B 127 -5.73 6.98 17.96
N SER B 128 -4.41 6.99 18.19
N SER B 128 -4.43 7.01 18.22
CA SER B 128 -3.66 8.24 18.29
CA SER B 128 -3.73 8.29 18.26
C SER B 128 -3.43 8.91 16.94
C SER B 128 -3.64 8.92 16.88
N LEU B 129 -3.30 8.13 15.86
CA LEU B 129 -2.91 8.68 14.58
C LEU B 129 -4.04 8.77 13.56
N LEU B 130 -5.10 7.98 13.68
CA LEU B 130 -6.17 7.99 12.68
C LEU B 130 -7.17 9.08 13.03
N GLN B 131 -6.74 10.31 12.80
CA GLN B 131 -7.49 11.51 13.14
C GLN B 131 -7.54 12.42 11.94
N ALA B 132 -8.67 13.09 11.75
CA ALA B 132 -8.83 14.01 10.64
C ALA B 132 -7.74 15.07 10.66
N GLY B 133 -7.14 15.31 9.49
CA GLY B 133 -6.07 16.26 9.35
C GLY B 133 -4.68 15.65 9.42
N TYR B 134 -4.54 14.52 10.10
CA TYR B 134 -3.23 13.89 10.21
C TYR B 134 -2.89 13.26 8.87
N LYS B 135 -1.65 13.42 8.45
CA LYS B 135 -1.25 12.98 7.12
C LYS B 135 -0.56 11.63 7.15
N GLY B 136 -0.82 10.85 6.10
CA GLY B 136 -0.08 9.66 5.81
C GLY B 136 0.50 9.75 4.41
N ARG B 137 1.16 8.68 4.02
CA ARG B 137 1.92 8.63 2.78
C ARG B 137 1.47 7.42 1.98
N VAL B 138 1.20 7.63 0.70
N VAL B 138 1.19 7.61 0.71
CA VAL B 138 0.79 6.58 -0.21
CA VAL B 138 0.77 6.53 -0.18
C VAL B 138 1.83 6.48 -1.31
C VAL B 138 1.73 6.47 -1.36
N THR B 139 2.09 5.25 -1.75
CA THR B 139 3.14 5.00 -2.73
C THR B 139 2.65 3.99 -3.75
N GLY B 140 3.13 4.12 -4.99
CA GLY B 140 2.80 3.14 -5.99
C GLY B 140 3.33 3.48 -7.37
N TRP B 141 3.14 2.53 -8.27
CA TRP B 141 3.57 2.64 -9.66
C TRP B 141 2.39 2.80 -10.60
N GLY B 142 1.24 3.18 -10.08
CA GLY B 142 0.03 3.30 -10.87
C GLY B 142 0.01 4.55 -11.73
N ASN B 143 -1.14 4.75 -12.37
CA ASN B 143 -1.27 5.84 -13.33
C ASN B 143 -1.02 7.20 -12.71
N LEU B 144 -0.38 8.06 -13.50
CA LEU B 144 -0.11 9.43 -13.12
C LEU B 144 -1.30 10.35 -13.34
N LYS B 145 -2.30 9.91 -14.11
CA LYS B 145 -3.48 10.72 -14.40
C LYS B 145 -4.67 9.80 -14.55
N GLU B 146 -5.86 10.34 -14.31
CA GLU B 146 -7.06 9.53 -14.46
C GLU B 146 -7.20 9.06 -15.90
N THR B 147 -7.00 9.96 -16.85
CA THR B 147 -7.20 9.69 -18.26
C THR B 147 -6.02 10.22 -19.04
N GLY B 155 1.59 9.27 -18.54
CA GLY B 155 0.75 8.11 -18.33
C GLY B 155 1.15 7.27 -17.13
N GLN B 156 2.26 6.53 -17.27
CA GLN B 156 2.77 5.68 -16.20
C GLN B 156 4.18 6.12 -15.83
N PRO B 157 4.55 5.99 -14.56
CA PRO B 157 5.81 6.58 -14.09
C PRO B 157 7.02 5.70 -14.36
N SER B 158 8.18 6.36 -14.45
CA SER B 158 9.45 5.63 -14.56
C SER B 158 9.83 4.98 -13.25
N VAL B 159 9.59 5.65 -12.12
CA VAL B 159 9.97 5.13 -10.82
C VAL B 159 8.80 5.28 -9.84
N LEU B 160 8.93 4.59 -8.71
CA LEU B 160 7.94 4.63 -7.65
C LEU B 160 7.58 6.08 -7.30
N GLN B 161 6.29 6.34 -7.16
CA GLN B 161 5.76 7.64 -6.80
C GLN B 161 5.26 7.66 -5.36
N VAL B 162 5.28 8.85 -4.75
N VAL B 162 5.31 8.85 -4.76
CA VAL B 162 4.90 9.04 -3.35
CA VAL B 162 4.89 9.09 -3.39
C VAL B 162 4.13 10.34 -3.22
C VAL B 162 4.01 10.32 -3.35
N VAL B 163 3.06 10.32 -2.43
CA VAL B 163 2.31 11.53 -2.08
C VAL B 163 1.85 11.43 -0.63
N ASN B 164 1.88 12.58 0.06
CA ASN B 164 1.40 12.69 1.42
C ASN B 164 0.00 13.28 1.39
N LEU B 165 -0.93 12.70 2.15
CA LEU B 165 -2.34 13.11 2.11
C LEU B 165 -2.97 13.10 3.50
N PRO B 166 -3.83 14.08 3.80
CA PRO B 166 -4.50 14.12 5.10
C PRO B 166 -5.73 13.22 5.18
N ILE B 167 -5.87 12.57 6.33
CA ILE B 167 -7.11 11.88 6.66
C ILE B 167 -8.25 12.88 6.74
N VAL B 168 -9.41 12.47 6.26
CA VAL B 168 -10.60 13.33 6.15
C VAL B 168 -11.64 12.89 7.17
N GLU B 169 -12.36 13.86 7.71
CA GLU B 169 -13.46 13.60 8.64
C GLU B 169 -14.48 12.68 8.01
N ARG B 170 -14.99 11.73 8.80
CA ARG B 170 -15.90 10.73 8.25
C ARG B 170 -17.16 11.31 7.63
N PRO B 171 -17.82 12.33 8.19
CA PRO B 171 -18.99 12.89 7.51
C PRO B 171 -18.67 13.47 6.14
N VAL B 172 -17.49 14.07 5.97
CA VAL B 172 -17.07 14.58 4.67
C VAL B 172 -16.85 13.43 3.70
N CYS B 173 -16.20 12.37 4.14
CA CYS B 173 -16.05 11.20 3.28
C CYS B 173 -17.40 10.70 2.80
N LYS B 174 -18.35 10.54 3.73
CA LYS B 174 -19.65 9.98 3.41
C LYS B 174 -20.41 10.88 2.45
N ASP B 175 -20.30 12.21 2.63
CA ASP B 175 -21.02 13.18 1.82
C ASP B 175 -20.41 13.38 0.43
N SER B 176 -19.27 12.75 0.14
CA SER B 176 -18.57 12.90 -1.12
C SER B 176 -18.98 11.84 -2.15
N THR B 177 -19.81 10.87 -1.75
CA THR B 177 -20.04 9.71 -2.59
C THR B 177 -21.44 9.16 -2.34
N ARG B 178 -21.95 8.40 -3.29
CA ARG B 178 -23.17 7.64 -3.11
C ARG B 178 -22.89 6.22 -2.64
N ILE B 179 -21.64 5.77 -2.67
CA ILE B 179 -21.26 4.44 -2.20
C ILE B 179 -21.38 4.40 -0.69
N ARG B 180 -21.82 3.25 -0.16
CA ARG B 180 -21.94 3.08 1.28
C ARG B 180 -20.56 2.90 1.92
N ILE B 181 -20.22 3.77 2.84
CA ILE B 181 -18.94 3.70 3.55
C ILE B 181 -19.15 2.87 4.82
N THR B 182 -18.12 2.15 5.24
CA THR B 182 -18.18 1.34 6.44
C THR B 182 -17.04 1.69 7.37
N ASP B 183 -17.15 1.17 8.60
CA ASP B 183 -16.08 1.35 9.60
C ASP B 183 -14.78 0.67 9.19
N ASN B 184 -14.80 -0.20 8.18
CA ASN B 184 -13.59 -0.86 7.69
C ASN B 184 -12.86 -0.05 6.64
N MET B 185 -13.24 1.21 6.46
CA MET B 185 -12.66 2.13 5.49
C MET B 185 -12.38 3.47 6.18
N PHE B 186 -11.40 4.19 5.64
CA PHE B 186 -11.25 5.60 5.91
C PHE B 186 -10.91 6.29 4.60
N CYS B 187 -11.05 7.61 4.57
CA CYS B 187 -10.71 8.34 3.36
C CYS B 187 -9.66 9.41 3.64
N ALA B 188 -8.95 9.77 2.56
CA ALA B 188 -7.87 10.74 2.65
C ALA B 188 -7.77 11.53 1.35
N GLY B 189 -7.26 12.73 1.47
CA GLY B 189 -7.09 13.62 0.33
C GLY B 189 -7.38 15.04 0.76
N TYR B 190 -6.97 15.98 -0.07
CA TYR B 190 -7.22 17.39 0.19
C TYR B 190 -8.62 17.79 -0.28
N LYS B 191 -9.17 18.77 0.40
CA LYS B 191 -10.44 19.35 -0.01
C LYS B 191 -10.21 20.36 -1.13
N PRO B 192 -11.24 20.66 -1.93
CA PRO B 192 -11.05 21.66 -2.99
C PRO B 192 -10.49 22.99 -2.49
N ASP B 193 -10.93 23.47 -1.33
CA ASP B 193 -10.48 24.77 -0.86
C ASP B 193 -9.06 24.74 -0.32
N GLU B 194 -8.44 23.56 -0.19
CA GLU B 194 -7.11 23.46 0.40
C GLU B 194 -5.99 23.71 -0.61
N GLY B 195 -6.27 23.64 -1.91
CA GLY B 195 -5.26 23.96 -2.90
C GLY B 195 -4.42 22.77 -3.33
N LYS B 196 -3.74 22.14 -2.37
CA LYS B 196 -2.88 21.00 -2.69
C LYS B 196 -3.73 19.87 -3.25
N ARG B 197 -3.06 18.94 -3.94
CA ARG B 197 -3.73 17.86 -4.65
C ARG B 197 -3.02 16.55 -4.38
N GLY B 198 -3.52 15.49 -4.97
CA GLY B 198 -2.90 14.17 -4.87
C GLY B 198 -3.91 13.07 -4.60
N ASP B 199 -3.63 11.89 -5.14
CA ASP B 199 -4.51 10.73 -4.97
C ASP B 199 -3.77 9.51 -5.46
N ALA B 200 -4.23 8.35 -5.01
CA ALA B 200 -3.92 7.10 -5.67
C ALA B 200 -4.79 6.94 -6.92
N CYS B 201 -4.42 5.99 -7.78
CA CYS B 201 -5.14 5.78 -9.03
C CYS B 201 -5.07 4.30 -9.39
N GLU B 202 -5.61 3.94 -10.55
CA GLU B 202 -5.51 2.55 -10.99
C GLU B 202 -4.05 2.14 -11.07
N GLY B 203 -3.76 0.91 -10.65
CA GLY B 203 -2.41 0.41 -10.54
C GLY B 203 -1.79 0.61 -9.18
N ASP B 204 -2.33 1.52 -8.36
CA ASP B 204 -1.85 1.72 -6.99
C ASP B 204 -2.59 0.84 -6.00
N SER B 205 -3.68 0.19 -6.43
CA SER B 205 -4.41 -0.78 -5.63
C SER B 205 -3.47 -1.63 -4.80
N GLY B 206 -3.82 -1.81 -3.53
CA GLY B 206 -3.11 -2.72 -2.67
C GLY B 206 -1.91 -2.15 -1.99
N GLY B 207 -1.45 -0.96 -2.41
CA GLY B 207 -0.30 -0.33 -1.81
C GLY B 207 -0.62 0.26 -0.45
N PRO B 208 0.41 0.54 0.32
CA PRO B 208 0.21 0.95 1.70
C PRO B 208 0.02 2.45 1.87
N PHE B 209 -0.81 2.79 2.86
CA PHE B 209 -0.94 4.13 3.42
C PHE B 209 -0.25 4.08 4.77
N VAL B 210 0.88 4.78 4.90
CA VAL B 210 1.75 4.67 6.07
C VAL B 210 1.82 5.99 6.81
N MET B 211 2.06 5.90 8.12
CA MET B 211 2.23 7.04 9.01
C MET B 211 3.45 6.76 9.88
N LYS B 212 4.21 7.81 10.18
CA LYS B 212 5.38 7.67 11.03
C LYS B 212 5.00 8.08 12.45
N SER B 213 5.01 7.13 13.36
CA SER B 213 4.60 7.43 14.72
C SER B 213 5.55 8.44 15.33
N PRO B 214 5.05 9.54 15.91
CA PRO B 214 5.93 10.49 16.60
C PRO B 214 6.32 10.02 17.99
N PHE B 215 5.76 8.90 18.44
CA PHE B 215 6.04 8.35 19.75
C PHE B 215 7.27 7.46 19.73
N ASN B 216 7.39 6.61 18.71
CA ASN B 216 8.52 5.69 18.63
C ASN B 216 9.29 5.77 17.31
N ASN B 217 8.93 6.69 16.42
CA ASN B 217 9.65 6.96 15.17
C ASN B 217 9.70 5.76 14.23
N ARG B 218 8.69 4.90 14.29
CA ARG B 218 8.53 3.79 13.37
C ARG B 218 7.36 4.05 12.42
N TRP B 219 7.49 3.53 11.21
CA TRP B 219 6.43 3.58 10.22
C TRP B 219 5.43 2.45 10.39
N TYR B 220 4.16 2.81 10.38
CA TYR B 220 3.04 1.90 10.53
C TYR B 220 2.16 1.97 9.30
N GLN B 221 1.69 0.81 8.85
CA GLN B 221 0.72 0.77 7.77
C GLN B 221 -0.71 0.86 8.33
N MET B 222 -1.34 2.00 8.11
CA MET B 222 -2.69 2.22 8.60
C MET B 222 -3.74 1.87 7.57
N GLY B 223 -3.40 1.92 6.28
CA GLY B 223 -4.38 1.69 5.24
C GLY B 223 -3.82 0.91 4.06
N ILE B 224 -4.75 0.47 3.21
CA ILE B 224 -4.46 -0.17 1.92
C ILE B 224 -5.25 0.58 0.86
N VAL B 225 -4.59 0.95 -0.24
CA VAL B 225 -5.30 1.60 -1.35
C VAL B 225 -6.42 0.69 -1.82
N SER B 226 -7.66 1.18 -1.75
CA SER B 226 -8.84 0.37 -2.05
C SER B 226 -9.62 0.94 -3.22
N TRP B 227 -10.17 2.13 -3.14
CA TRP B 227 -11.03 2.60 -4.22
C TRP B 227 -11.16 4.11 -4.23
N GLY B 228 -11.64 4.61 -5.36
CA GLY B 228 -11.93 6.01 -5.54
C GLY B 228 -12.75 6.18 -6.79
N GLU B 229 -13.43 7.30 -6.87
CA GLU B 229 -14.25 7.62 -8.04
C GLU B 229 -13.49 8.62 -8.89
N GLY B 230 -12.87 8.14 -9.95
CA GLY B 230 -11.89 8.92 -10.66
C GLY B 230 -10.60 8.95 -9.86
N CYS B 231 -9.67 9.79 -10.30
CA CYS B 231 -8.41 9.99 -9.60
C CYS B 231 -8.19 11.49 -9.45
N ASP B 232 -7.95 11.93 -8.21
CA ASP B 232 -7.63 13.32 -7.93
C ASP B 232 -8.71 14.28 -8.43
N ARG B 233 -9.97 13.87 -8.32
CA ARG B 233 -11.08 14.76 -8.66
C ARG B 233 -11.41 15.68 -7.49
N ASP B 234 -11.73 16.93 -7.80
CA ASP B 234 -12.16 17.86 -6.74
C ASP B 234 -13.43 17.34 -6.09
N GLY B 235 -13.42 17.32 -4.76
CA GLY B 235 -14.57 16.90 -4.00
C GLY B 235 -14.70 15.41 -3.82
N LYS B 236 -13.84 14.62 -4.44
CA LYS B 236 -13.75 13.19 -4.19
C LYS B 236 -12.51 12.92 -3.35
N TYR B 237 -12.52 11.75 -2.72
CA TYR B 237 -11.43 11.33 -1.84
C TYR B 237 -11.08 9.89 -2.19
N GLY B 238 -9.87 9.50 -1.78
CA GLY B 238 -9.47 8.12 -1.90
C GLY B 238 -9.89 7.37 -0.66
N PHE B 239 -10.29 6.11 -0.85
CA PHE B 239 -10.72 5.24 0.23
C PHE B 239 -9.73 4.11 0.44
N TYR B 240 -9.48 3.84 1.72
CA TYR B 240 -8.43 2.95 2.18
C TYR B 240 -9.03 1.93 3.14
N THR B 241 -8.58 0.69 2.99
CA THR B 241 -8.93 -0.33 3.97
C THR B 241 -8.30 0.01 5.31
N HIS B 242 -9.10 -0.08 6.36
CA HIS B 242 -8.69 0.26 7.72
C HIS B 242 -7.99 -0.96 8.32
N VAL B 243 -6.65 -0.95 8.27
CA VAL B 243 -5.87 -2.15 8.61
C VAL B 243 -6.12 -2.55 10.06
N PHE B 244 -6.08 -1.60 10.98
CA PHE B 244 -6.28 -1.99 12.38
C PHE B 244 -7.61 -2.69 12.60
N ARG B 245 -8.69 -2.18 12.00
CA ARG B 245 -10.00 -2.80 12.19
C ARG B 245 -10.02 -4.26 11.75
N LEU B 246 -9.13 -4.66 10.85
CA LEU B 246 -9.09 -6.02 10.33
C LEU B 246 -7.89 -6.80 10.85
N LYS B 247 -7.21 -6.27 11.87
CA LYS B 247 -5.98 -6.91 12.33
C LYS B 247 -6.24 -8.25 13.01
N LYS B 248 -7.40 -8.44 13.65
CA LYS B 248 -7.67 -9.74 14.26
C LYS B 248 -7.69 -10.84 13.22
N TRP B 249 -8.19 -10.54 12.02
CA TRP B 249 -8.16 -11.52 10.94
C TRP B 249 -6.73 -11.76 10.46
N ILE B 250 -5.96 -10.69 10.29
CA ILE B 250 -4.56 -10.85 9.89
C ILE B 250 -3.84 -11.76 10.87
N GLN B 251 -4.01 -11.49 12.16
CA GLN B 251 -3.32 -12.27 13.18
C GLN B 251 -3.79 -13.72 13.17
N LYS B 252 -5.09 -13.94 12.93
CA LYS B 252 -5.61 -15.30 12.89
C LYS B 252 -4.98 -16.09 11.74
N VAL B 253 -4.88 -15.47 10.57
CA VAL B 253 -4.28 -16.13 9.41
C VAL B 253 -2.83 -16.47 9.68
N ILE B 254 -2.07 -15.49 10.17
CA ILE B 254 -0.64 -15.73 10.35
C ILE B 254 -0.40 -16.76 11.43
N ASP B 255 -1.19 -16.72 12.51
CA ASP B 255 -1.01 -17.69 13.58
C ASP B 255 -1.32 -19.11 13.12
N GLN B 256 -2.34 -19.27 12.26
CA GLN B 256 -2.73 -20.62 11.89
C GLN B 256 -2.03 -21.13 10.63
N PHE B 257 -1.45 -20.26 9.81
CA PHE B 257 -0.80 -20.70 8.58
C PHE B 257 0.69 -20.35 8.52
N GLY B 258 1.22 -19.66 9.51
CA GLY B 258 2.61 -19.25 9.48
C GLY B 258 3.56 -20.43 9.57
N ASP C 1 6.49 -3.60 -22.39
CA ASP C 1 6.80 -2.41 -21.61
C ASP C 1 7.83 -2.72 -20.52
N PHE C 2 7.76 -3.93 -20.00
CA PHE C 2 8.61 -4.36 -18.90
C PHE C 2 9.82 -5.14 -19.41
N GLU C 3 10.97 -4.87 -18.79
CA GLU C 3 12.16 -5.65 -19.09
C GLU C 3 11.95 -7.09 -18.65
N GLU C 4 12.38 -8.02 -19.50
CA GLU C 4 12.23 -9.44 -19.18
C GLU C 4 12.92 -9.75 -17.86
N ILE C 5 12.29 -10.61 -17.07
CA ILE C 5 12.88 -11.04 -15.80
C ILE C 5 13.56 -12.38 -16.00
N PRO C 6 14.49 -12.78 -15.13
CA PRO C 6 15.19 -14.06 -15.31
C PRO C 6 14.23 -15.23 -15.39
N GLU C 7 14.59 -16.22 -16.22
CA GLU C 7 13.72 -17.36 -16.47
C GLU C 7 13.52 -18.21 -15.21
N GLU C 8 14.49 -18.21 -14.31
CA GLU C 8 14.39 -19.01 -13.09
C GLU C 8 13.10 -18.70 -12.27
N LEU C 10 10.19 -17.92 -13.53
CA LEU C 10 8.99 -18.29 -14.25
C LEU C 10 8.84 -19.80 -14.38
N GLN C 11 9.77 -20.55 -13.81
CA GLN C 11 9.75 -22.01 -13.93
C GLN C 11 9.07 -22.65 -12.73
#